data_4GEE
#
_entry.id   4GEE
#
_cell.length_a   54.930
_cell.length_b   58.080
_cell.length_c   66.250
_cell.angle_alpha   90.00
_cell.angle_beta   90.00
_cell.angle_gamma   90.00
#
_symmetry.space_group_name_H-M   'P 21 21 21'
#
loop_
_entity.id
_entity.type
_entity.pdbx_description
1 polymer 'DNA gyrase subunit B'
2 non-polymer (1R,5S,6s)-3-[5-chloro-6-ethyl-2-(pyrimidin-5-yloxy)-7H-pyrrolo[2,3-d]pyrimidin-4-yl]-3-azabicyclo[3.1.0]hexan-6-amine
3 non-polymer GLYCEROL
4 water water
#
_entity_poly.entity_id   1
_entity_poly.type   'polypeptide(L)'
_entity_poly.pdbx_seq_one_letter_code
;GLEAVRKRPGMYIGSTSGEGLHHLVWEIVDNSIDEALAGFAKSIQVIIEPDDSITVIDDGRGIPVGIQAKTGRPAVETVF
TVLHAGGKFGGGGYKVSGGLHGVGSSVVNALSTSLDVRVYKDGKVYYQEYRRGAVVDDLKVIEETDRHGTTVHFIPDPEI
FTETTVYDFDKLATRVRELAFLNRGLHISIEDRREGQEDKKEYHYEGLEHHHHHH
;
_entity_poly.pdbx_strand_id   A
#
loop_
_chem_comp.id
_chem_comp.type
_chem_comp.name
_chem_comp.formula
0WT non-polymer (1R,5S,6s)-3-[5-chloro-6-ethyl-2-(pyrimidin-5-yloxy)-7H-pyrrolo[2,3-d]pyrimidin-4-yl]-3-azabicyclo[3.1.0]hexan-6-amine 'C17 H18 Cl N7 O'
GOL non-polymer GLYCEROL 'C3 H8 O3'
#
# COMPACT_ATOMS: atom_id res chain seq x y z
N GLY A 1 -18.42 -9.61 6.55
CA GLY A 1 -17.46 -8.65 5.92
C GLY A 1 -16.00 -8.94 6.24
N LEU A 2 -15.27 -7.88 6.59
CA LEU A 2 -13.83 -7.98 6.84
C LEU A 2 -13.46 -8.75 8.09
N GLU A 3 -14.40 -8.90 9.02
CA GLU A 3 -14.13 -9.70 10.21
C GLU A 3 -13.75 -11.12 9.82
N ALA A 4 -14.30 -11.62 8.71
CA ALA A 4 -13.97 -12.96 8.21
C ALA A 4 -12.49 -13.07 7.85
N VAL A 5 -11.94 -12.00 7.29
CA VAL A 5 -10.52 -11.94 6.93
C VAL A 5 -9.62 -12.06 8.17
N ARG A 6 -9.99 -11.37 9.24
CA ARG A 6 -9.23 -11.42 10.50
C ARG A 6 -9.27 -12.79 11.16
N LYS A 7 -10.37 -13.52 10.98
CA LYS A 7 -10.54 -14.84 11.60
C LYS A 7 -9.97 -15.97 10.76
N ARG A 8 -10.04 -15.81 9.43
CA ARG A 8 -9.44 -16.79 8.52
C ARG A 8 -8.42 -16.16 7.55
N PRO A 9 -7.37 -15.52 8.10
CA PRO A 9 -6.38 -14.86 7.21
C PRO A 9 -5.71 -15.82 6.23
N GLY A 10 -5.54 -17.09 6.62
CA GLY A 10 -4.96 -18.11 5.73
C GLY A 10 -5.67 -18.26 4.38
N MET A 11 -6.97 -17.97 4.34
CA MET A 11 -7.77 -18.09 3.12
C MET A 11 -7.59 -16.89 2.21
N TYR A 12 -7.08 -15.79 2.76
CA TYR A 12 -6.98 -14.54 2.02
C TYR A 12 -5.56 -14.18 1.61
N ILE A 13 -4.59 -14.55 2.44
CA ILE A 13 -3.18 -14.23 2.16
C ILE A 13 -2.27 -15.46 2.05
N GLY A 14 -2.88 -16.65 2.17
CA GLY A 14 -2.18 -17.91 1.96
C GLY A 14 -1.47 -18.48 3.18
N SER A 15 -0.85 -17.57 3.94
CA SER A 15 -0.09 -17.96 5.11
C SER A 15 0.00 -16.79 6.08
N THR A 16 0.01 -17.10 7.37
CA THR A 16 0.25 -16.04 8.38
C THR A 16 1.72 -15.98 8.83
N SER A 17 2.57 -16.75 8.15
CA SER A 17 4.01 -16.71 8.40
C SER A 17 4.64 -15.48 7.76
N GLY A 18 5.98 -15.41 7.77
CA GLY A 18 6.72 -14.37 7.04
C GLY A 18 6.28 -14.19 5.59
N GLU A 19 5.87 -15.28 4.94
CA GLU A 19 5.41 -15.19 3.54
C GLU A 19 4.17 -14.30 3.43
N GLY A 20 3.20 -14.51 4.33
CA GLY A 20 2.00 -13.68 4.38
C GLY A 20 2.32 -12.24 4.71
N LEU A 21 3.25 -12.04 5.64
CA LEU A 21 3.69 -10.69 6.02
C LEU A 21 4.16 -9.91 4.80
N HIS A 22 4.99 -10.55 3.98
CA HIS A 22 5.50 -9.93 2.77
C HIS A 22 4.44 -9.77 1.72
N HIS A 23 3.50 -10.72 1.67
CA HIS A 23 2.38 -10.63 0.72
C HIS A 23 1.59 -9.36 0.85
N LEU A 24 1.47 -8.83 2.07
CA LEU A 24 0.74 -7.58 2.31
C LEU A 24 1.30 -6.44 1.48
N VAL A 25 2.63 -6.37 1.42
CA VAL A 25 3.30 -5.33 0.63
C VAL A 25 2.81 -5.37 -0.83
N TRP A 26 2.79 -6.57 -1.43
CA TRP A 26 2.42 -6.70 -2.84
C TRP A 26 0.98 -6.40 -3.11
N GLU A 27 0.13 -6.70 -2.14
CA GLU A 27 -1.30 -6.37 -2.24
C GLU A 27 -1.54 -4.85 -2.34
N ILE A 28 -0.66 -4.06 -1.75
CA ILE A 28 -0.72 -2.61 -1.94
C ILE A 28 0.03 -2.20 -3.20
N VAL A 29 1.28 -2.64 -3.32
CA VAL A 29 2.13 -2.26 -4.48
C VAL A 29 1.47 -2.58 -5.83
N ASP A 30 0.81 -3.73 -5.93
CA ASP A 30 0.11 -4.10 -7.19
C ASP A 30 -0.86 -3.01 -7.65
N ASN A 31 -1.50 -2.32 -6.71
CA ASN A 31 -2.41 -1.23 -7.07
C ASN A 31 -1.68 -0.02 -7.65
N SER A 32 -0.49 0.28 -7.11
CA SER A 32 0.35 1.34 -7.68
C SER A 32 0.84 0.96 -9.07
N ILE A 33 1.19 -0.32 -9.23
CA ILE A 33 1.62 -0.86 -10.53
CA ILE A 33 1.63 -0.82 -10.54
C ILE A 33 0.50 -0.71 -11.55
N ASP A 34 -0.73 -1.01 -11.13
CA ASP A 34 -1.89 -0.87 -12.02
C ASP A 34 -2.05 0.59 -12.49
N GLU A 35 -1.78 1.53 -11.58
CA GLU A 35 -1.85 2.95 -11.88
C GLU A 35 -0.70 3.41 -12.79
N ALA A 36 0.44 2.73 -12.70
CA ALA A 36 1.53 2.92 -13.67
C ALA A 36 1.14 2.36 -15.04
N LEU A 37 0.53 1.19 -15.05
CA LEU A 37 0.01 0.58 -16.29
C LEU A 37 -1.05 1.44 -16.96
N ALA A 38 -1.88 2.09 -16.16
CA ALA A 38 -2.92 2.97 -16.68
C ALA A 38 -2.27 4.19 -17.34
N GLY A 39 -1.00 4.46 -16.99
CA GLY A 39 -0.20 5.49 -17.63
C GLY A 39 0.06 6.73 -16.79
N PHE A 40 -0.40 6.69 -15.54
CA PHE A 40 -0.39 7.89 -14.69
C PHE A 40 0.75 7.90 -13.66
N ALA A 41 0.96 6.78 -12.99
CA ALA A 41 2.06 6.69 -12.02
C ALA A 41 3.40 6.50 -12.73
N LYS A 42 4.40 7.25 -12.30
CA LYS A 42 5.75 7.13 -12.88
C LYS A 42 6.75 6.61 -11.86
N SER A 43 6.47 6.82 -10.58
CA SER A 43 7.41 6.41 -9.54
C SER A 43 6.70 5.88 -8.31
N ILE A 44 7.21 4.77 -7.79
CA ILE A 44 6.67 4.10 -6.61
C ILE A 44 7.78 3.98 -5.59
N GLN A 45 7.51 4.36 -4.35
CA GLN A 45 8.43 4.11 -3.26
C GLN A 45 7.85 3.11 -2.27
N VAL A 46 8.63 2.11 -1.92
CA VAL A 46 8.30 1.21 -0.82
C VAL A 46 9.27 1.46 0.32
N ILE A 47 8.75 1.72 1.52
CA ILE A 47 9.58 2.05 2.68
C ILE A 47 9.30 1.10 3.84
N ILE A 48 10.34 0.45 4.35
CA ILE A 48 10.23 -0.26 5.61
C ILE A 48 10.55 0.77 6.68
N GLU A 49 9.54 1.14 7.46
CA GLU A 49 9.71 2.13 8.51
C GLU A 49 10.46 1.57 9.73
N PRO A 50 10.95 2.44 10.62
CA PRO A 50 11.79 1.95 11.71
C PRO A 50 11.11 0.91 12.62
N ASP A 51 9.78 0.90 12.62
CA ASP A 51 9.00 0.01 13.46
C ASP A 51 8.44 -1.21 12.71
N ASP A 52 9.03 -1.53 11.55
CA ASP A 52 8.57 -2.61 10.67
C ASP A 52 7.20 -2.38 10.03
N SER A 53 6.70 -1.16 10.12
CA SER A 53 5.53 -0.78 9.32
C SER A 53 5.97 -0.46 7.89
N ILE A 54 4.99 -0.39 6.98
CA ILE A 54 5.28 -0.23 5.56
C ILE A 54 4.59 1.01 5.01
N THR A 55 5.33 1.80 4.25
CA THR A 55 4.74 2.91 3.48
C THR A 55 4.95 2.70 1.98
N VAL A 56 3.86 2.84 1.22
CA VAL A 56 3.90 2.78 -0.25
C VAL A 56 3.41 4.12 -0.78
N ILE A 57 4.25 4.76 -1.59
CA ILE A 57 3.96 6.08 -2.14
C ILE A 57 3.98 5.98 -3.67
N ASP A 58 2.92 6.43 -4.32
CA ASP A 58 2.96 6.59 -5.77
C ASP A 58 2.57 8.00 -6.17
N ASP A 59 2.86 8.34 -7.42
CA ASP A 59 2.51 9.65 -7.95
C ASP A 59 1.45 9.54 -9.06
N GLY A 60 0.53 8.59 -8.90
CA GLY A 60 -0.60 8.45 -9.80
C GLY A 60 -1.67 9.52 -9.57
N ARG A 61 -2.88 9.20 -10.00
CA ARG A 61 -3.98 10.16 -9.94
C ARG A 61 -4.51 10.36 -8.53
N GLY A 62 -4.29 9.36 -7.68
CA GLY A 62 -4.90 9.32 -6.35
C GLY A 62 -6.21 8.55 -6.40
N ILE A 63 -6.44 7.69 -5.41
CA ILE A 63 -7.69 6.91 -5.34
C ILE A 63 -8.88 7.87 -5.38
N PRO A 64 -9.91 7.55 -6.18
CA PRO A 64 -11.10 8.40 -6.22
C PRO A 64 -11.66 8.63 -4.81
N VAL A 65 -12.04 9.87 -4.53
CA VAL A 65 -12.55 10.27 -3.21
C VAL A 65 -14.04 10.62 -3.28
N GLY A 66 -14.58 10.68 -4.49
CA GLY A 66 -16.04 10.94 -4.47
C GLY A 66 -17.07 9.92 -4.00
N ILE A 67 -18.13 10.44 -3.37
CA ILE A 67 -19.24 9.62 -2.90
C ILE A 67 -19.80 8.77 -4.03
N GLN A 68 -19.94 7.47 -3.77
CA GLN A 68 -20.55 6.57 -4.74
C GLN A 68 -22.05 6.45 -4.43
N ALA A 69 -22.86 6.45 -5.48
CA ALA A 69 -24.32 6.37 -5.34
C ALA A 69 -24.78 5.13 -4.56
N LYS A 70 -24.21 3.98 -4.89
CA LYS A 70 -24.61 2.70 -4.30
C LYS A 70 -24.31 2.59 -2.80
N THR A 71 -23.17 3.15 -2.37
CA THR A 71 -22.73 3.00 -0.98
C THR A 71 -23.03 4.20 -0.10
N GLY A 72 -23.12 5.38 -0.71
CA GLY A 72 -23.20 6.64 0.03
C GLY A 72 -21.91 7.04 0.71
N ARG A 73 -20.83 6.33 0.38
CA ARG A 73 -19.51 6.56 1.00
C ARG A 73 -18.47 6.96 -0.06
N PRO A 74 -17.40 7.67 0.35
CA PRO A 74 -16.30 7.99 -0.57
C PRO A 74 -15.68 6.70 -1.13
N ALA A 75 -15.37 6.70 -2.43
CA ALA A 75 -14.79 5.52 -3.08
C ALA A 75 -13.57 4.97 -2.32
N VAL A 76 -12.69 5.86 -1.88
CA VAL A 76 -11.47 5.45 -1.16
C VAL A 76 -11.79 4.65 0.12
N GLU A 77 -12.82 5.07 0.87
CA GLU A 77 -13.25 4.31 2.06
C GLU A 77 -13.65 2.88 1.70
N THR A 78 -14.51 2.74 0.69
CA THR A 78 -14.93 1.41 0.21
C THR A 78 -13.74 0.51 -0.17
N VAL A 79 -12.74 1.09 -0.83
CA VAL A 79 -11.51 0.38 -1.21
C VAL A 79 -10.94 -0.37 -0.01
N PHE A 80 -10.88 0.30 1.14
CA PHE A 80 -10.23 -0.27 2.32
C PHE A 80 -11.15 -1.03 3.28
N THR A 81 -12.46 -0.87 3.12
CA THR A 81 -13.41 -1.40 4.12
C THR A 81 -14.33 -2.49 3.59
N VAL A 82 -14.34 -2.69 2.27
CA VAL A 82 -15.23 -3.69 1.67
C VAL A 82 -14.42 -4.79 1.00
N LEU A 83 -14.77 -6.03 1.32
CA LEU A 83 -14.13 -7.19 0.72
C LEU A 83 -14.52 -7.32 -0.74
N HIS A 84 -13.52 -7.41 -1.61
CA HIS A 84 -13.75 -7.55 -3.05
C HIS A 84 -13.19 -8.86 -3.55
N GLY A 102 -5.41 -6.73 -7.53
CA GLY A 102 -5.80 -5.34 -7.30
C GLY A 102 -7.05 -5.16 -6.48
N VAL A 103 -7.45 -6.20 -5.74
CA VAL A 103 -8.62 -6.15 -4.86
C VAL A 103 -8.28 -6.47 -3.41
N GLY A 104 -7.00 -6.41 -3.07
CA GLY A 104 -6.52 -6.81 -1.75
C GLY A 104 -6.33 -5.72 -0.71
N SER A 105 -6.60 -4.46 -1.07
CA SER A 105 -6.38 -3.35 -0.14
C SER A 105 -7.12 -3.55 1.17
N SER A 106 -8.36 -4.02 1.11
CA SER A 106 -9.16 -4.21 2.33
C SER A 106 -8.64 -5.37 3.16
N VAL A 107 -8.04 -6.36 2.51
CA VAL A 107 -7.40 -7.48 3.22
C VAL A 107 -6.19 -6.99 4.03
N VAL A 108 -5.36 -6.15 3.41
CA VAL A 108 -4.22 -5.55 4.11
C VAL A 108 -4.73 -4.72 5.30
N ASN A 109 -5.76 -3.92 5.06
CA ASN A 109 -6.38 -3.17 6.13
C ASN A 109 -6.83 -4.05 7.30
N ALA A 110 -7.61 -5.08 7.00
CA ALA A 110 -8.10 -6.00 8.01
C ALA A 110 -6.99 -6.63 8.86
N LEU A 111 -5.85 -6.91 8.23
CA LEU A 111 -4.77 -7.63 8.90
C LEU A 111 -3.67 -6.71 9.46
N SER A 112 -4.00 -5.42 9.56
CA SER A 112 -3.10 -4.43 10.13
C SER A 112 -3.67 -3.86 11.43
N THR A 113 -2.82 -3.55 12.40
CA THR A 113 -3.30 -2.85 13.60
C THR A 113 -3.86 -1.48 13.20
N SER A 114 -3.25 -0.90 12.17
CA SER A 114 -3.61 0.43 11.71
C SER A 114 -3.20 0.58 10.27
N LEU A 115 -4.03 1.28 9.50
CA LEU A 115 -3.70 1.65 8.14
C LEU A 115 -4.17 3.08 7.93
N ASP A 116 -3.33 3.89 7.30
CA ASP A 116 -3.70 5.26 6.97
C ASP A 116 -3.46 5.51 5.49
N VAL A 117 -4.40 6.20 4.87
CA VAL A 117 -4.29 6.52 3.46
C VAL A 117 -4.35 8.05 3.30
N ARG A 118 -3.48 8.55 2.45
CA ARG A 118 -3.51 9.96 2.03
C ARG A 118 -3.64 9.99 0.52
N VAL A 119 -4.64 10.71 0.04
CA VAL A 119 -4.88 10.87 -1.39
C VAL A 119 -4.60 12.33 -1.74
N TYR A 120 -3.66 12.53 -2.67
CA TYR A 120 -3.23 13.85 -3.11
C TYR A 120 -3.89 14.09 -4.45
N LYS A 121 -4.86 15.00 -4.48
CA LYS A 121 -5.74 15.13 -5.64
C LYS A 121 -6.40 16.49 -5.62
N ASP A 122 -6.42 17.14 -6.78
CA ASP A 122 -7.07 18.44 -6.97
C ASP A 122 -6.64 19.48 -5.93
N GLY A 123 -5.34 19.50 -5.62
CA GLY A 123 -4.77 20.45 -4.66
C GLY A 123 -5.03 20.19 -3.19
N LYS A 124 -5.61 19.04 -2.88
CA LYS A 124 -6.01 18.70 -1.52
C LYS A 124 -5.44 17.35 -1.10
N VAL A 125 -5.19 17.20 0.21
CA VAL A 125 -4.83 15.91 0.78
C VAL A 125 -6.01 15.35 1.58
N TYR A 126 -6.56 14.24 1.09
CA TYR A 126 -7.66 13.55 1.74
C TYR A 126 -7.09 12.44 2.61
N TYR A 127 -7.54 12.36 3.86
CA TYR A 127 -6.94 11.44 4.81
C TYR A 127 -8.01 10.59 5.49
N GLN A 128 -7.75 9.30 5.60
CA GLN A 128 -8.57 8.42 6.43
C GLN A 128 -7.69 7.37 7.09
N GLU A 129 -8.09 6.94 8.28
CA GLU A 129 -7.37 5.91 9.02
C GLU A 129 -8.33 4.84 9.52
N TYR A 130 -7.78 3.64 9.72
CA TYR A 130 -8.55 2.47 10.14
C TYR A 130 -7.74 1.76 11.21
N ARG A 131 -8.43 1.05 12.09
CA ARG A 131 -7.78 0.27 13.14
C ARG A 131 -8.32 -1.15 13.13
N ARG A 132 -7.45 -2.11 12.86
CA ARG A 132 -7.85 -3.51 12.65
C ARG A 132 -9.06 -3.61 11.70
N GLY A 133 -9.02 -2.80 10.65
CA GLY A 133 -10.03 -2.80 9.61
C GLY A 133 -11.18 -1.82 9.81
N ALA A 134 -11.34 -1.30 11.02
CA ALA A 134 -12.48 -0.43 11.36
C ALA A 134 -12.15 1.05 11.16
N VAL A 135 -13.07 1.76 10.50
CA VAL A 135 -12.92 3.20 10.23
C VAL A 135 -12.78 4.01 11.52
N VAL A 136 -11.80 4.92 11.56
CA VAL A 136 -11.66 5.85 12.68
C VAL A 136 -12.59 7.05 12.52
N ASP A 137 -12.47 7.74 11.39
CA ASP A 137 -13.36 8.87 11.14
C ASP A 137 -13.63 9.01 9.65
N ASP A 138 -14.62 9.84 9.33
CA ASP A 138 -14.93 10.15 7.93
C ASP A 138 -13.72 10.74 7.24
N LEU A 139 -13.60 10.47 5.94
CA LEU A 139 -12.56 11.07 5.09
C LEU A 139 -12.55 12.58 5.30
N LYS A 140 -11.36 13.15 5.49
CA LYS A 140 -11.21 14.58 5.75
C LYS A 140 -10.07 15.18 4.92
N VAL A 141 -10.24 16.43 4.50
CA VAL A 141 -9.14 17.17 3.88
C VAL A 141 -8.29 17.73 5.02
N ILE A 142 -7.01 17.37 5.02
CA ILE A 142 -6.11 17.73 6.11
C ILE A 142 -5.07 18.80 5.72
N GLU A 143 -4.78 18.88 4.44
CA GLU A 143 -3.75 19.78 3.91
C GLU A 143 -4.08 20.19 2.49
N GLU A 144 -3.41 21.23 2.01
CA GLU A 144 -3.36 21.51 0.58
C GLU A 144 -2.06 20.93 0.02
N THR A 145 -2.04 20.68 -1.28
CA THR A 145 -0.87 20.06 -1.90
C THR A 145 -0.75 20.46 -3.36
N ASP A 146 0.46 20.32 -3.90
CA ASP A 146 0.71 20.52 -5.32
C ASP A 146 1.03 19.21 -6.03
N ARG A 147 1.07 18.11 -5.27
CA ARG A 147 1.36 16.83 -5.92
C ARG A 147 0.09 16.00 -6.11
N HIS A 148 0.24 14.89 -6.83
CA HIS A 148 -0.84 13.94 -7.01
C HIS A 148 -0.35 12.55 -6.75
N GLY A 149 -1.22 11.72 -6.20
CA GLY A 149 -0.87 10.33 -5.93
C GLY A 149 -1.54 9.78 -4.69
N THR A 150 -1.15 8.56 -4.32
CA THR A 150 -1.69 7.88 -3.16
C THR A 150 -0.54 7.39 -2.28
N THR A 151 -0.69 7.57 -0.97
CA THR A 151 0.24 7.04 0.01
C THR A 151 -0.51 6.18 1.00
N VAL A 152 -0.12 4.91 1.08
CA VAL A 152 -0.71 3.97 2.02
C VAL A 152 0.36 3.55 3.02
N HIS A 153 0.04 3.65 4.30
CA HIS A 153 0.93 3.19 5.37
C HIS A 153 0.20 2.23 6.26
N PHE A 154 0.81 1.09 6.54
CA PHE A 154 0.17 0.08 7.36
C PHE A 154 1.11 -0.60 8.35
N ILE A 155 0.55 -0.99 9.49
CA ILE A 155 1.30 -1.69 10.53
C ILE A 155 0.71 -3.09 10.66
N PRO A 156 1.42 -4.12 10.15
CA PRO A 156 0.90 -5.49 10.23
C PRO A 156 0.58 -5.90 11.67
N ASP A 157 -0.53 -6.62 11.85
CA ASP A 157 -1.02 -6.95 13.17
C ASP A 157 -0.28 -8.19 13.71
N PRO A 158 0.48 -8.04 14.83
CA PRO A 158 1.12 -9.21 15.43
C PRO A 158 0.14 -10.26 15.98
N GLU A 159 -1.13 -9.89 16.17
CA GLU A 159 -2.17 -10.88 16.50
C GLU A 159 -2.42 -11.86 15.36
N ILE A 160 -2.18 -11.40 14.13
CA ILE A 160 -2.32 -12.23 12.94
C ILE A 160 -0.97 -12.88 12.62
N PHE A 161 0.08 -12.07 12.58
CA PHE A 161 1.41 -12.51 12.16
C PHE A 161 2.22 -12.83 13.41
N THR A 162 1.92 -13.99 13.97
CA THR A 162 2.40 -14.39 15.29
C THR A 162 3.83 -14.96 15.23
N GLU A 163 4.21 -15.46 14.06
CA GLU A 163 5.56 -15.99 13.83
C GLU A 163 6.59 -14.87 13.74
N THR A 164 6.29 -13.86 12.92
CA THR A 164 7.19 -12.73 12.73
C THR A 164 6.47 -11.52 12.13
N THR A 165 6.81 -10.34 12.63
CA THR A 165 6.40 -9.09 11.99
C THR A 165 7.61 -8.32 11.46
N VAL A 166 8.74 -9.02 11.32
CA VAL A 166 9.97 -8.37 10.86
C VAL A 166 10.20 -8.56 9.36
N TYR A 167 10.36 -7.45 8.64
CA TYR A 167 10.54 -7.48 7.19
C TYR A 167 11.96 -7.86 6.74
N ASP A 168 12.02 -8.53 5.60
CA ASP A 168 13.26 -8.93 4.95
C ASP A 168 13.53 -7.97 3.80
N PHE A 169 14.47 -7.06 4.00
CA PHE A 169 14.80 -6.05 2.98
C PHE A 169 15.22 -6.70 1.65
N ASP A 170 16.11 -7.68 1.71
CA ASP A 170 16.58 -8.35 0.49
C ASP A 170 15.44 -9.00 -0.30
N LYS A 171 14.53 -9.66 0.43
CA LYS A 171 13.35 -10.30 -0.17
C LYS A 171 12.49 -9.27 -0.88
N LEU A 172 12.21 -8.16 -0.21
CA LEU A 172 11.45 -7.07 -0.83
C LEU A 172 12.18 -6.47 -2.04
N ALA A 173 13.48 -6.22 -1.88
CA ALA A 173 14.29 -5.60 -2.94
C ALA A 173 14.34 -6.47 -4.19
N THR A 174 14.46 -7.78 -3.99
CA THR A 174 14.51 -8.74 -5.11
C THR A 174 13.27 -8.64 -5.98
N ARG A 175 12.10 -8.64 -5.35
CA ARG A 175 10.84 -8.52 -6.07
C ARG A 175 10.64 -7.12 -6.66
N VAL A 176 11.05 -6.09 -5.92
CA VAL A 176 10.98 -4.72 -6.44
C VAL A 176 11.79 -4.58 -7.74
N ARG A 177 12.98 -5.19 -7.76
CA ARG A 177 13.80 -5.22 -8.98
C ARG A 177 13.08 -5.94 -10.12
N GLU A 178 12.48 -7.09 -9.83
CA GLU A 178 11.71 -7.86 -10.82
C GLU A 178 10.54 -7.03 -11.34
N LEU A 179 9.85 -6.33 -10.44
CA LEU A 179 8.75 -5.45 -10.84
C LEU A 179 9.19 -4.32 -11.76
N ALA A 180 10.34 -3.69 -11.45
CA ALA A 180 10.91 -2.66 -12.32
C ALA A 180 11.16 -3.20 -13.74
N PHE A 181 11.69 -4.42 -13.81
CA PHE A 181 12.02 -5.03 -15.08
C PHE A 181 10.76 -5.38 -15.88
N LEU A 182 9.79 -5.99 -15.21
CA LEU A 182 8.51 -6.35 -15.83
C LEU A 182 7.68 -5.14 -16.22
N ASN A 183 7.91 -4.02 -15.52
CA ASN A 183 7.23 -2.77 -15.83
C ASN A 183 8.20 -1.72 -16.36
N ARG A 184 9.00 -2.14 -17.35
CA ARG A 184 10.06 -1.32 -17.93
C ARG A 184 9.60 0.13 -18.16
N GLY A 185 10.37 1.06 -17.59
CA GLY A 185 10.05 2.49 -17.63
C GLY A 185 9.69 3.03 -16.26
N LEU A 186 9.08 2.18 -15.43
CA LEU A 186 8.74 2.54 -14.06
C LEU A 186 9.99 2.84 -13.23
N HIS A 187 9.92 3.87 -12.41
CA HIS A 187 10.89 4.09 -11.34
C HIS A 187 10.30 3.51 -10.09
N ILE A 188 11.02 2.59 -9.46
CA ILE A 188 10.55 2.00 -8.21
C ILE A 188 11.71 1.80 -7.24
N SER A 189 11.49 2.20 -6.00
CA SER A 189 12.55 2.08 -5.01
C SER A 189 12.10 1.30 -3.79
N ILE A 190 13.09 0.79 -3.07
CA ILE A 190 12.86 0.13 -1.78
C ILE A 190 13.84 0.71 -0.76
N GLU A 191 13.32 1.11 0.40
CA GLU A 191 14.14 1.75 1.43
C GLU A 191 13.94 1.07 2.78
N ASP A 192 15.04 0.89 3.52
CA ASP A 192 15.00 0.37 4.88
C ASP A 192 15.39 1.52 5.78
N ARG A 193 14.51 1.87 6.71
CA ARG A 193 14.77 2.94 7.68
C ARG A 193 15.07 2.39 9.09
N ARG A 194 15.25 1.08 9.18
CA ARG A 194 15.48 0.46 10.48
C ARG A 194 16.89 0.71 11.04
N GLU A 195 16.96 0.74 12.36
CA GLU A 195 18.17 1.09 13.11
C GLU A 195 19.38 0.24 12.70
N GLY A 196 20.48 0.91 12.37
CA GLY A 196 21.75 0.25 12.08
C GLY A 196 21.82 -0.50 10.76
N GLN A 197 20.85 -0.28 9.87
CA GLN A 197 20.81 -1.01 8.62
C GLN A 197 20.14 -0.23 7.50
N GLU A 198 20.08 1.09 7.67
CA GLU A 198 19.45 1.94 6.67
C GLU A 198 20.06 1.74 5.29
N ASP A 199 19.20 1.60 4.29
CA ASP A 199 19.64 1.29 2.93
C ASP A 199 18.53 1.75 1.99
N LYS A 200 18.90 2.05 0.75
CA LYS A 200 17.93 2.36 -0.28
C LYS A 200 18.44 1.86 -1.63
N LYS A 201 17.58 1.18 -2.37
CA LYS A 201 17.90 0.76 -3.72
C LYS A 201 16.83 1.28 -4.67
N GLU A 202 17.27 1.92 -5.76
CA GLU A 202 16.36 2.49 -6.75
C GLU A 202 16.52 1.75 -8.07
N TYR A 203 15.40 1.38 -8.69
CA TYR A 203 15.45 0.64 -9.96
C TYR A 203 14.68 1.35 -11.05
N HIS A 204 15.23 1.34 -12.25
CA HIS A 204 14.61 1.92 -13.43
C HIS A 204 15.22 1.35 -14.66
N TYR A 205 14.46 0.55 -15.38
CA TYR A 205 14.87 0.04 -16.68
C TYR A 205 14.33 0.96 -17.75
N GLU A 206 15.22 1.38 -18.66
CA GLU A 206 14.88 2.39 -19.66
C GLU A 206 14.05 1.84 -20.82
N GLY A 207 13.16 2.69 -21.33
CA GLY A 207 12.35 2.37 -22.51
C GLY A 207 13.06 2.77 -23.80
N LEU A 208 12.31 3.35 -24.73
CA LEU A 208 12.85 3.67 -26.06
C LEU A 208 13.90 4.77 -26.05
N GLU A 209 13.96 5.52 -24.96
CA GLU A 209 14.96 6.58 -24.78
C GLU A 209 16.39 6.04 -24.61
N HIS A 210 16.51 4.74 -24.37
CA HIS A 210 17.80 4.08 -24.14
C HIS A 210 18.71 4.15 -25.34
CL1 0WT B . -4.50 1.04 -3.13
C4 0WT B . -3.84 2.22 -4.37
C5 0WT B . -2.47 2.73 -4.29
C10 0WT B . -1.43 2.36 -3.25
C11 0WT B . -0.55 3.54 -2.89
N1 0WT B . -2.35 3.58 -5.32
C3 0WT B . -4.56 2.81 -5.50
C6 0WT B . -5.89 2.80 -6.19
N13 0WT B . -7.02 2.03 -5.88
C17 0WT B . -8.29 2.23 -6.55
C16 0WT B . -8.90 0.84 -6.54
C18 0WT B . -7.97 -0.22 -7.11
N19 0WT B . -8.75 -1.39 -7.51
C15 0WT B . -8.07 -0.03 -5.60
C14 0WT B . -6.96 0.84 -5.03
N7 0WT B . -6.00 3.60 -7.27
C8 0WT B . -4.99 4.39 -7.72
N9 0WT B . -3.77 4.42 -7.14
C2 0WT B . -3.49 3.68 -6.05
O20 0WT B . -5.18 5.18 -8.81
C21 0WT B . -6.39 5.27 -9.46
C26 0WT B . -6.95 6.54 -9.65
N25 0WT B . -8.13 6.62 -10.30
C24 0WT B . -8.74 5.51 -10.75
N23 0WT B . -8.21 4.29 -10.59
C22 0WT B . -7.04 4.14 -9.95
C1 GOL C . 3.75 1.45 -18.64
O1 GOL C . 4.67 1.90 -19.63
C2 GOL C . 4.44 0.83 -17.43
O2 GOL C . 5.63 0.12 -17.80
C3 GOL C . 4.78 1.94 -16.45
O3 GOL C . 5.33 1.37 -15.27
#